data_2FF6
#
_entry.id   2FF6
#
_cell.length_a   56.221
_cell.length_b   69.373
_cell.length_c   79.650
_cell.angle_alpha   90.00
_cell.angle_beta   95.10
_cell.angle_gamma   90.00
#
_symmetry.space_group_name_H-M   'P 1 21 1'
#
loop_
_entity.id
_entity.type
_entity.pdbx_description
1 polymer Gelsolin
2 polymer 'CG4944-PC, isoform C'
3 polymer 'Actin, alpha skeletal muscle'
4 non-polymer 'CALCIUM ION'
5 non-polymer "ADENOSINE-5'-TRIPHOSPHATE"
6 water water
#
loop_
_entity_poly.entity_id
_entity_poly.type
_entity_poly.pdbx_seq_one_letter_code
_entity_poly.pdbx_strand_id
1 'polypeptide(L)'
;MKHHHHHHHHGGLVPRGSHGGSMVVEHPEFLKAGKEPGLQIWRVEKFDLVPVPTNLYGDFFTGDAYVILKTVQLRNGNLQ
YDLHYWLGNECSQDESGAAAIFTVQLDDYLNGRAVQHREVQGFESATFLGYFKSGLKYKKGGVASGFKHV
;
G
2 'polypeptide(L)' ETNEKNPLPDKEGEGEESVHRRHREL H
3 'polypeptide(L)'
;DEDETTALVCDNGSGLVKAGFAGDDAPRAVFPSIVGRPRHQGVMVGMGQKDSYVGDEAQSKRGILTLKYPIEHGIITNWD
DMEKIWHHTFYNELRVAPEEHPTLLTEAPLNPKANREKMTQIMFETFNVPAMYVAIQAVLSLYASGRTTGIVLDSGDGVT
HNVPIYEGYALPHAIMRLDLAGRDLTDYLMKILTERGYSFVTTAEREIVRDIKEKLCYVALDFENEMATAASSSSLEKSY
ELPDGQVITIGNERFRCPETLFQPSFIGMESAGIHETTYNSIMKCDIDIRKDLYANNVMSGGTTMYPGIADRMQKEITAL
APSTMKIKIIAPPERKYSVWIGGSILASLSTFQQMWITKQEYDEAGPSIVHRKCF
;
A
#
# COMPACT_ATOMS: atom_id res chain seq x y z
N GLU A 26 17.47 19.95 8.25
CA GLU A 26 18.39 19.37 9.28
C GLU A 26 19.41 18.41 8.66
N HIS A 27 18.94 17.56 7.74
CA HIS A 27 19.85 16.72 6.96
C HIS A 27 20.84 17.63 6.22
N PRO A 28 22.15 17.35 6.38
CA PRO A 28 23.20 18.18 5.77
C PRO A 28 23.05 18.44 4.27
N GLU A 29 22.53 17.46 3.52
CA GLU A 29 22.37 17.62 2.08
C GLU A 29 21.16 18.49 1.71
N PHE A 30 20.16 18.52 2.58
CA PHE A 30 19.01 19.41 2.42
C PHE A 30 19.46 20.88 2.56
N LEU A 31 20.29 21.14 3.55
CA LEU A 31 20.85 22.49 3.78
C LEU A 31 21.63 22.99 2.57
N LYS A 32 22.25 22.06 1.85
CA LYS A 32 23.00 22.38 0.63
C LYS A 32 22.11 22.55 -0.59
N ALA A 33 20.92 21.95 -0.55
CA ALA A 33 20.06 21.83 -1.73
C ALA A 33 19.40 23.15 -2.15
N GLY A 34 19.58 23.51 -3.42
CA GLY A 34 18.89 24.63 -4.03
C GLY A 34 19.31 26.01 -3.54
N LYS A 35 20.60 26.15 -3.20
CA LYS A 35 21.14 27.42 -2.72
C LYS A 35 21.50 28.37 -3.87
N GLU A 36 22.11 27.82 -4.91
CA GLU A 36 22.53 28.60 -6.08
C GLU A 36 22.02 27.95 -7.36
N PRO A 37 22.03 28.68 -8.48
CA PRO A 37 21.74 28.08 -9.79
C PRO A 37 22.71 26.97 -10.14
N GLY A 38 22.21 25.89 -10.75
CA GLY A 38 23.04 24.76 -11.15
C GLY A 38 22.36 23.41 -11.02
N LEU A 39 23.17 22.36 -11.11
CA LEU A 39 22.68 20.98 -11.10
C LEU A 39 23.23 20.28 -9.87
N GLN A 40 22.36 19.57 -9.16
CA GLN A 40 22.77 18.82 -7.97
C GLN A 40 22.25 17.40 -8.09
N ILE A 41 23.14 16.43 -7.86
CA ILE A 41 22.77 15.02 -8.00
C ILE A 41 23.18 14.23 -6.76
N TRP A 42 22.24 13.44 -6.25
CA TRP A 42 22.46 12.54 -5.14
C TRP A 42 22.06 11.13 -5.54
N ARG A 43 22.74 10.14 -4.98
CA ARG A 43 22.38 8.76 -5.19
C ARG A 43 21.80 8.18 -3.92
N VAL A 44 20.71 7.43 -4.04
CA VAL A 44 20.19 6.66 -2.92
C VAL A 44 21.18 5.53 -2.60
N GLU A 45 21.71 5.56 -1.38
CA GLU A 45 22.63 4.55 -0.92
C GLU A 45 22.20 4.10 0.47
N LYS A 46 21.59 2.92 0.51
CA LYS A 46 21.10 2.29 1.73
C LYS A 46 20.31 3.25 2.64
N PHE A 47 19.22 3.78 2.08
CA PHE A 47 18.26 4.65 2.77
C PHE A 47 18.78 6.05 3.09
N ASP A 48 19.86 6.45 2.42
CA ASP A 48 20.42 7.80 2.59
C ASP A 48 20.61 8.46 1.23
N LEU A 49 20.64 9.79 1.23
CA LEU A 49 20.93 10.60 0.05
C LEU A 49 22.39 11.01 0.04
N VAL A 50 23.16 10.46 -0.89
CA VAL A 50 24.61 10.68 -0.91
C VAL A 50 24.99 11.45 -2.17
N PRO A 51 25.66 12.60 -2.01
CA PRO A 51 26.08 13.40 -3.15
C PRO A 51 26.96 12.63 -4.13
N VAL A 52 26.71 12.83 -5.41
CA VAL A 52 27.50 12.22 -6.47
C VAL A 52 28.64 13.18 -6.78
N PRO A 53 29.88 12.67 -6.84
CA PRO A 53 31.02 13.47 -7.27
C PRO A 53 30.72 14.20 -8.57
N THR A 54 31.03 15.50 -8.59
CA THR A 54 30.69 16.38 -9.70
C THR A 54 31.30 15.94 -11.04
N ASN A 55 32.47 15.31 -10.98
CA ASN A 55 33.11 14.77 -12.19
C ASN A 55 32.37 13.57 -12.81
N LEU A 56 31.48 12.95 -12.03
CA LEU A 56 30.78 11.74 -12.46
C LEU A 56 29.33 11.99 -12.86
N TYR A 57 28.94 13.26 -12.92
CA TYR A 57 27.59 13.67 -13.33
C TYR A 57 27.30 13.20 -14.75
N GLY A 58 26.18 12.51 -14.92
CA GLY A 58 25.78 12.01 -16.25
C GLY A 58 26.07 10.56 -16.51
N ASP A 59 26.85 9.92 -15.64
CA ASP A 59 27.13 8.48 -15.71
C ASP A 59 26.26 7.75 -14.69
N PHE A 60 25.14 7.20 -15.15
CA PHE A 60 24.17 6.59 -14.23
C PHE A 60 24.28 5.08 -14.14
N PHE A 61 24.38 4.58 -12.92
CA PHE A 61 24.35 3.14 -12.64
C PHE A 61 22.90 2.67 -12.77
N THR A 62 22.67 1.73 -13.68
CA THR A 62 21.32 1.22 -13.95
C THR A 62 20.79 0.31 -12.84
N GLY A 63 21.63 -0.02 -11.88
CA GLY A 63 21.21 -0.81 -10.74
C GLY A 63 20.83 0.08 -9.59
N ASP A 64 20.75 1.38 -9.86
CA ASP A 64 20.56 2.40 -8.82
C ASP A 64 19.47 3.44 -9.10
N ALA A 65 19.16 4.23 -8.08
CA ALA A 65 18.21 5.32 -8.18
C ALA A 65 18.86 6.61 -7.69
N TYR A 66 18.51 7.72 -8.33
CA TYR A 66 19.13 9.00 -8.06
C TYR A 66 18.08 10.09 -7.93
N VAL A 67 18.41 11.14 -7.18
CA VAL A 67 17.60 12.36 -7.09
C VAL A 67 18.41 13.51 -7.70
N ILE A 68 17.76 14.26 -8.60
CA ILE A 68 18.39 15.36 -9.31
C ILE A 68 17.61 16.67 -9.06
N LEU A 69 18.28 17.69 -8.55
CA LEU A 69 17.67 19.01 -8.45
C LEU A 69 18.31 20.00 -9.42
N LYS A 70 17.51 20.52 -10.33
CA LYS A 70 17.99 21.59 -11.21
C LYS A 70 17.45 22.91 -10.69
N THR A 71 18.38 23.81 -10.35
CA THR A 71 18.05 25.13 -9.83
C THR A 71 18.35 26.19 -10.89
N VAL A 72 17.32 26.96 -11.25
CA VAL A 72 17.39 28.01 -12.26
C VAL A 72 17.14 29.39 -11.65
N GLN A 73 18.03 30.34 -11.93
CA GLN A 73 17.83 31.73 -11.55
C GLN A 73 16.71 32.34 -12.37
N LEU A 74 15.66 32.79 -11.68
CA LEU A 74 14.60 33.53 -12.32
C LEU A 74 14.93 35.02 -12.32
N ARG A 75 14.47 35.73 -13.34
CA ARG A 75 14.66 37.19 -13.46
C ARG A 75 14.09 37.95 -12.26
N ASN A 76 13.05 37.39 -11.64
CA ASN A 76 12.42 38.02 -10.49
C ASN A 76 13.21 37.91 -9.16
N GLY A 77 14.40 37.34 -9.23
CA GLY A 77 15.27 37.15 -8.07
C GLY A 77 15.13 35.79 -7.41
N ASN A 78 13.98 35.16 -7.62
CA ASN A 78 13.67 33.86 -7.01
C ASN A 78 14.37 32.72 -7.73
N LEU A 79 14.40 31.55 -7.10
CA LEU A 79 14.97 30.36 -7.71
C LEU A 79 13.86 29.41 -8.16
N GLN A 80 14.08 28.82 -9.32
CA GLN A 80 13.18 27.82 -9.87
C GLN A 80 13.76 26.44 -9.60
N TYR A 81 12.88 25.50 -9.23
CA TYR A 81 13.32 24.17 -8.83
C TYR A 81 12.60 23.08 -9.61
N ASP A 82 13.37 22.20 -10.23
CA ASP A 82 12.81 20.96 -10.78
C ASP A 82 13.52 19.77 -10.17
N LEU A 83 12.73 18.89 -9.55
CA LEU A 83 13.24 17.70 -8.91
C LEU A 83 12.92 16.49 -9.76
N HIS A 84 13.96 15.76 -10.14
CA HIS A 84 13.78 14.56 -10.93
C HIS A 84 14.31 13.39 -10.13
N TYR A 85 13.50 12.34 -10.01
CA TYR A 85 14.04 11.11 -9.45
C TYR A 85 14.18 10.08 -10.58
N TRP A 86 15.43 9.66 -10.79
CA TRP A 86 15.79 8.77 -11.88
C TRP A 86 15.85 7.32 -11.39
N LEU A 87 15.13 6.42 -12.05
CA LEU A 87 15.03 5.01 -11.65
C LEU A 87 15.67 4.06 -12.66
N GLY A 88 16.73 3.38 -12.23
CA GLY A 88 17.46 2.45 -13.07
C GLY A 88 16.67 1.18 -13.24
N ASN A 89 16.79 0.56 -14.42
CA ASN A 89 16.07 -0.67 -14.75
C ASN A 89 16.24 -1.77 -13.70
N GLU A 90 17.39 -1.82 -13.06
CA GLU A 90 17.68 -2.87 -12.09
C GLU A 90 17.75 -2.40 -10.63
N CYS A 91 17.35 -1.16 -10.36
CA CYS A 91 17.37 -0.67 -8.97
C CYS A 91 16.35 -1.44 -8.10
N SER A 92 16.68 -1.59 -6.82
CA SER A 92 15.82 -2.34 -5.92
C SER A 92 14.69 -1.49 -5.38
N GLN A 93 13.68 -2.14 -4.84
CA GLN A 93 12.47 -1.45 -4.41
C GLN A 93 12.73 -0.40 -3.33
N ASP A 94 13.68 -0.69 -2.44
CA ASP A 94 14.02 0.26 -1.38
C ASP A 94 14.61 1.55 -1.95
N GLU A 95 15.32 1.43 -3.07
CA GLU A 95 15.99 2.57 -3.69
C GLU A 95 15.04 3.45 -4.47
N SER A 96 14.18 2.84 -5.30
CA SER A 96 13.15 3.58 -6.02
C SER A 96 12.12 4.19 -5.05
N GLY A 97 11.77 3.43 -4.01
CA GLY A 97 10.90 3.93 -2.94
C GLY A 97 11.50 5.13 -2.22
N ALA A 98 12.77 5.00 -1.84
CA ALA A 98 13.50 6.08 -1.14
C ALA A 98 13.65 7.34 -1.99
N ALA A 99 13.94 7.17 -3.28
CA ALA A 99 14.11 8.28 -4.23
C ALA A 99 12.83 9.10 -4.34
N ALA A 100 11.71 8.40 -4.42
CA ALA A 100 10.40 9.02 -4.47
C ALA A 100 10.10 9.81 -3.19
N ILE A 101 10.38 9.21 -2.03
CA ILE A 101 10.12 9.87 -0.74
C ILE A 101 11.06 11.07 -0.53
N PHE A 102 12.35 10.89 -0.77
CA PHE A 102 13.32 11.99 -0.71
C PHE A 102 12.90 13.19 -1.55
N THR A 103 12.37 12.90 -2.73
CA THR A 103 11.85 13.93 -3.64
C THR A 103 10.72 14.74 -2.97
N VAL A 104 9.77 14.05 -2.35
CA VAL A 104 8.66 14.70 -1.64
C VAL A 104 9.21 15.58 -0.50
N GLN A 105 10.11 15.02 0.29
CA GLN A 105 10.71 15.70 1.44
C GLN A 105 11.53 16.93 1.02
N LEU A 106 12.28 16.80 -0.07
CA LEU A 106 13.08 17.90 -0.62
C LEU A 106 12.16 19.04 -1.05
N ASP A 107 11.10 18.66 -1.77
CA ASP A 107 10.07 19.58 -2.23
C ASP A 107 9.45 20.33 -1.05
N ASP A 108 9.01 19.60 -0.02
CA ASP A 108 8.44 20.21 1.19
C ASP A 108 9.43 21.18 1.85
N TYR A 109 10.69 20.74 1.97
CA TYR A 109 11.78 21.57 2.51
C TYR A 109 11.96 22.87 1.71
N LEU A 110 11.75 22.79 0.39
CA LEU A 110 11.80 23.95 -0.48
C LEU A 110 10.43 24.64 -0.62
N ASN A 111 9.61 24.54 0.43
CA ASN A 111 8.32 25.23 0.53
C ASN A 111 7.30 24.83 -0.54
N GLY A 112 7.40 23.59 -0.99
CA GLY A 112 6.53 23.06 -2.02
C GLY A 112 6.78 23.59 -3.43
N ARG A 113 7.85 24.36 -3.63
CA ARG A 113 8.02 25.12 -4.88
C ARG A 113 8.63 24.31 -6.03
N ALA A 114 9.14 23.12 -5.72
CA ALA A 114 9.70 22.26 -6.76
C ALA A 114 8.63 21.54 -7.56
N VAL A 115 8.90 21.31 -8.84
CA VAL A 115 8.07 20.47 -9.67
C VAL A 115 8.73 19.09 -9.72
N GLN A 116 7.98 18.05 -9.41
CA GLN A 116 8.53 16.70 -9.30
C GLN A 116 8.37 15.94 -10.62
N HIS A 117 9.41 15.21 -11.00
CA HIS A 117 9.39 14.44 -12.24
C HIS A 117 9.93 13.04 -11.98
N ARG A 118 9.16 12.02 -12.35
CA ARG A 118 9.64 10.64 -12.33
C ARG A 118 10.34 10.34 -13.65
N GLU A 119 11.62 9.96 -13.57
CA GLU A 119 12.39 9.67 -14.77
C GLU A 119 12.82 8.20 -14.76
N VAL A 120 12.32 7.43 -15.71
CA VAL A 120 12.69 6.02 -15.85
C VAL A 120 13.74 5.85 -16.95
N GLN A 121 14.74 5.02 -16.69
CA GLN A 121 15.76 4.64 -17.69
C GLN A 121 15.13 4.29 -19.04
N GLY A 122 15.61 4.91 -20.10
CA GLY A 122 15.10 4.68 -21.44
C GLY A 122 13.87 5.50 -21.82
N PHE A 123 13.35 6.26 -20.86
CA PHE A 123 12.11 7.02 -21.05
C PHE A 123 12.17 8.42 -20.42
N GLU A 124 13.38 8.96 -20.28
CA GLU A 124 13.58 10.26 -19.64
C GLU A 124 13.04 11.40 -20.49
N SER A 125 12.57 12.46 -19.82
CA SER A 125 12.03 13.64 -20.50
C SER A 125 13.13 14.40 -21.23
N ALA A 126 12.74 15.11 -22.28
CA ALA A 126 13.66 15.96 -23.04
C ALA A 126 14.37 16.95 -22.13
N THR A 127 13.63 17.56 -21.20
CA THR A 127 14.22 18.52 -20.27
C THR A 127 15.28 17.90 -19.36
N PHE A 128 15.02 16.70 -18.85
CA PHE A 128 16.00 15.96 -18.05
C PHE A 128 17.28 15.64 -18.83
N LEU A 129 17.11 15.12 -20.04
CA LEU A 129 18.23 14.77 -20.91
C LEU A 129 19.05 16.00 -21.28
N GLY A 130 18.37 17.15 -21.43
CA GLY A 130 19.01 18.42 -21.73
C GLY A 130 19.96 18.95 -20.66
N TYR A 131 19.87 18.41 -19.45
CA TYR A 131 20.72 18.85 -18.34
C TYR A 131 22.17 18.41 -18.51
N PHE A 132 22.38 17.41 -19.37
CA PHE A 132 23.67 16.76 -19.52
C PHE A 132 24.22 17.09 -20.91
N LYS A 133 25.10 18.10 -20.95
CA LYS A 133 25.58 18.67 -22.21
C LYS A 133 26.36 17.70 -23.10
N SER A 134 27.09 16.77 -22.49
CA SER A 134 27.81 15.72 -23.22
C SER A 134 26.94 14.50 -23.50
N GLY A 135 25.73 14.50 -22.97
CA GLY A 135 24.82 13.38 -23.18
C GLY A 135 24.88 12.41 -22.02
N LEU A 136 23.70 12.03 -21.54
CA LEU A 136 23.54 11.05 -20.47
C LEU A 136 23.96 9.65 -20.93
N LYS A 137 24.71 8.93 -20.09
CA LYS A 137 25.05 7.55 -20.41
C LYS A 137 24.74 6.57 -19.27
N TYR A 138 24.63 5.28 -19.61
CA TYR A 138 24.34 4.24 -18.63
C TYR A 138 25.51 3.28 -18.46
N LYS A 139 25.62 2.73 -17.26
CA LYS A 139 26.55 1.65 -16.96
C LYS A 139 25.85 0.66 -16.04
N LYS A 140 26.19 -0.63 -16.18
CA LYS A 140 25.60 -1.69 -15.37
C LYS A 140 26.14 -1.63 -13.94
N GLY A 141 25.34 -2.10 -12.99
CA GLY A 141 25.79 -2.22 -11.60
C GLY A 141 25.21 -1.14 -10.70
N GLY A 142 25.75 -1.05 -9.49
CA GLY A 142 25.37 -0.02 -8.52
C GLY A 142 25.62 -0.49 -7.10
N VAL A 143 25.15 0.30 -6.14
CA VAL A 143 25.27 -0.04 -4.71
C VAL A 143 24.21 -1.09 -4.33
N ALA A 144 24.52 -1.92 -3.34
CA ALA A 144 23.62 -2.97 -2.90
C ALA A 144 22.38 -2.40 -2.21
N SER A 145 21.30 -3.17 -2.25
CA SER A 145 20.05 -2.82 -1.57
C SER A 145 20.25 -2.65 -0.07
N GLY A 146 19.49 -1.72 0.52
CA GLY A 146 19.50 -1.51 1.97
C GLY A 146 18.61 -2.47 2.73
N PHE A 147 17.78 -3.22 2.02
CA PHE A 147 16.84 -4.17 2.64
C PHE A 147 17.55 -5.35 3.30
N LYS A 148 17.05 -5.77 4.45
CA LYS A 148 17.35 -7.09 5.00
C LYS A 148 16.29 -8.06 4.50
N HIS A 149 16.72 -9.19 3.94
CA HIS A 149 15.80 -10.19 3.42
C HIS A 149 15.30 -11.08 4.59
N VAL A 150 14.00 -11.26 4.68
CA VAL A 150 13.42 -11.98 5.82
C VAL A 150 12.50 -13.14 5.45
N GLU B 1 12.33 -14.08 6.40
CA GLU B 1 11.35 -15.16 6.25
C GLU B 1 10.05 -14.74 6.96
N THR B 2 9.02 -14.48 6.17
CA THR B 2 7.70 -14.11 6.69
C THR B 2 6.95 -15.35 7.16
N ASN B 3 6.44 -15.30 8.38
CA ASN B 3 5.51 -16.33 8.85
C ASN B 3 4.06 -15.83 8.88
N GLU B 4 3.30 -16.17 7.84
CA GLU B 4 1.88 -15.87 7.81
C GLU B 4 1.14 -16.90 8.68
N LYS B 5 0.81 -16.49 9.89
CA LYS B 5 0.14 -17.34 10.86
C LYS B 5 -1.37 -17.28 10.68
N ASN B 6 -1.86 -17.93 9.63
CA ASN B 6 -3.30 -18.00 9.36
C ASN B 6 -3.70 -19.39 8.81
N PRO B 7 -3.85 -20.38 9.70
CA PRO B 7 -4.18 -21.74 9.29
C PRO B 7 -5.68 -22.00 9.12
N LEU B 8 -6.03 -22.88 8.18
CA LEU B 8 -7.41 -23.27 7.92
C LEU B 8 -7.90 -24.30 8.93
N PRO B 9 -9.17 -24.21 9.33
CA PRO B 9 -9.77 -25.20 10.24
C PRO B 9 -9.93 -26.59 9.62
N ASP B 10 -9.74 -27.62 10.43
CA ASP B 10 -9.87 -29.02 10.00
C ASP B 10 -11.28 -29.57 10.22
N LYS B 11 -11.48 -30.84 9.88
CA LYS B 11 -12.79 -31.50 10.01
C LYS B 11 -13.27 -31.57 11.47
N THR C 6 15.77 -0.46 16.72
CA THR C 6 15.25 -0.36 15.32
C THR C 6 13.73 -0.13 15.30
N ALA C 7 13.30 0.70 14.37
CA ALA C 7 11.89 1.06 14.24
C ALA C 7 11.01 -0.12 13.83
N LEU C 8 9.80 -0.13 14.39
CA LEU C 8 8.79 -1.12 14.07
C LEU C 8 7.80 -0.55 13.07
N VAL C 9 7.29 -1.43 12.20
CA VAL C 9 6.25 -1.10 11.26
C VAL C 9 5.05 -2.03 11.44
N CYS C 10 3.90 -1.44 11.78
CA CYS C 10 2.67 -2.20 11.98
C CYS C 10 1.56 -1.69 11.07
N ASP C 11 1.12 -2.54 10.16
CA ASP C 11 0.05 -2.21 9.23
C ASP C 11 -1.20 -3.00 9.62
N ASN C 12 -2.12 -2.34 10.31
CA ASN C 12 -3.32 -2.97 10.85
C ASN C 12 -4.48 -2.92 9.85
N GLY C 13 -4.98 -4.08 9.47
CA GLY C 13 -6.10 -4.17 8.53
C GLY C 13 -7.35 -4.78 9.13
N SER C 14 -8.46 -4.68 8.38
CA SER C 14 -9.75 -5.25 8.78
C SER C 14 -9.64 -6.75 9.00
N GLY C 15 -8.88 -7.42 8.14
CA GLY C 15 -8.71 -8.87 8.20
C GLY C 15 -7.36 -9.33 8.73
N LEU C 16 -6.30 -8.65 8.33
CA LEU C 16 -4.92 -9.06 8.67
C LEU C 16 -4.03 -7.95 9.25
N VAL C 17 -3.25 -8.32 10.26
CA VAL C 17 -2.20 -7.47 10.80
C VAL C 17 -0.91 -7.85 10.07
N LYS C 18 -0.20 -6.85 9.55
CA LYS C 18 1.12 -7.05 8.96
C LYS C 18 2.12 -6.28 9.81
N ALA C 19 3.03 -7.00 10.46
CA ALA C 19 3.95 -6.38 11.41
C ALA C 19 5.38 -6.82 11.19
N GLY C 20 6.30 -5.89 11.41
CA GLY C 20 7.71 -6.15 11.20
C GLY C 20 8.62 -5.02 11.59
N PHE C 21 9.85 -5.09 11.09
CA PHE C 21 10.90 -4.14 11.44
C PHE C 21 11.25 -3.31 10.22
N ALA C 22 11.40 -2.00 10.44
CA ALA C 22 11.85 -1.09 9.40
C ALA C 22 13.20 -1.52 8.84
N GLY C 23 13.30 -1.57 7.52
CA GLY C 23 14.53 -1.99 6.87
C GLY C 23 14.48 -3.42 6.36
N ASP C 24 13.49 -4.19 6.80
CA ASP C 24 13.25 -5.52 6.24
C ASP C 24 12.45 -5.36 4.96
N ASP C 25 12.57 -6.33 4.05
CA ASP C 25 11.83 -6.27 2.78
C ASP C 25 10.42 -6.83 2.89
N ALA C 26 10.07 -7.35 4.07
CA ALA C 26 8.76 -7.98 4.32
C ALA C 26 8.42 -7.97 5.81
N PRO C 27 7.13 -8.02 6.15
CA PRO C 27 6.72 -8.14 7.55
C PRO C 27 7.18 -9.49 8.11
N ARG C 28 7.57 -9.52 9.38
CA ARG C 28 7.91 -10.78 10.04
C ARG C 28 6.65 -11.59 10.34
N ALA C 29 5.58 -10.89 10.68
CA ALA C 29 4.36 -11.52 11.15
C ALA C 29 3.15 -11.00 10.42
N VAL C 30 2.33 -11.93 9.95
CA VAL C 30 1.05 -11.65 9.33
C VAL C 30 0.04 -12.59 9.97
N PHE C 31 -0.98 -12.02 10.60
CA PHE C 31 -1.97 -12.81 11.35
C PHE C 31 -3.34 -12.14 11.34
N PRO C 32 -4.43 -12.90 11.55
CA PRO C 32 -5.78 -12.35 11.55
C PRO C 32 -6.01 -11.34 12.66
N SER C 33 -6.57 -10.18 12.31
CA SER C 33 -6.94 -9.17 13.31
C SER C 33 -8.26 -9.55 13.97
N ILE C 34 -8.18 -10.54 14.86
CA ILE C 34 -9.34 -11.09 15.56
C ILE C 34 -9.01 -11.27 17.04
N VAL C 35 -10.02 -11.07 17.87
CA VAL C 35 -9.93 -11.43 19.29
C VAL C 35 -11.05 -12.43 19.56
N GLY C 36 -10.69 -13.57 20.15
CA GLY C 36 -11.65 -14.63 20.45
C GLY C 36 -11.82 -14.82 21.94
N ARG C 37 -13.07 -14.99 22.36
CA ARG C 37 -13.42 -15.20 23.77
C ARG C 37 -14.32 -16.43 23.92
N PRO C 38 -14.11 -17.22 24.98
CA PRO C 38 -14.86 -18.48 25.16
C PRO C 38 -16.36 -18.29 25.39
N ARG C 39 -16.74 -17.36 26.26
CA ARG C 39 -18.14 -17.12 26.68
C ARG C 39 -18.76 -18.34 27.38
N LYS C 50 -7.70 -18.23 30.97
CA LYS C 50 -7.44 -17.35 29.82
C LYS C 50 -8.71 -16.62 29.36
N ASP C 51 -8.72 -15.31 29.58
CA ASP C 51 -9.82 -14.43 29.18
C ASP C 51 -10.03 -14.42 27.66
N SER C 52 -8.97 -14.11 26.91
CA SER C 52 -9.08 -13.96 25.47
C SER C 52 -7.87 -14.51 24.69
N TYR C 53 -8.07 -14.72 23.40
CA TYR C 53 -7.03 -15.18 22.50
C TYR C 53 -6.98 -14.22 21.30
N VAL C 54 -5.77 -14.01 20.77
CA VAL C 54 -5.59 -13.09 19.65
C VAL C 54 -4.94 -13.79 18.46
N GLY C 55 -5.41 -13.46 17.27
CA GLY C 55 -4.76 -13.86 16.02
C GLY C 55 -4.93 -15.33 15.66
N ASP C 56 -3.81 -15.98 15.35
CA ASP C 56 -3.77 -17.38 14.93
C ASP C 56 -4.30 -18.34 16.00
N GLU C 57 -4.02 -18.03 17.27
CA GLU C 57 -4.55 -18.80 18.41
C GLU C 57 -6.08 -18.76 18.49
N ALA C 58 -6.66 -17.60 18.21
CA ALA C 58 -8.11 -17.43 18.22
C ALA C 58 -8.79 -18.19 17.10
N GLN C 59 -8.10 -18.31 15.97
CA GLN C 59 -8.59 -19.02 14.79
C GLN C 59 -8.75 -20.52 15.06
N SER C 60 -7.67 -21.15 15.53
CA SER C 60 -7.65 -22.59 15.79
C SER C 60 -8.61 -23.01 16.92
N LYS C 61 -8.78 -22.14 17.91
CA LYS C 61 -9.63 -22.44 19.06
C LYS C 61 -11.07 -21.94 18.89
N ARG C 62 -11.54 -21.85 17.64
CA ARG C 62 -12.85 -21.23 17.37
C ARG C 62 -14.05 -22.05 17.83
N GLY C 63 -13.83 -23.34 18.09
CA GLY C 63 -14.87 -24.23 18.60
C GLY C 63 -15.43 -23.77 19.93
N ILE C 64 -14.57 -23.15 20.75
CA ILE C 64 -14.97 -22.64 22.05
C ILE C 64 -15.04 -21.11 22.07
N LEU C 65 -14.56 -20.46 21.02
CA LEU C 65 -14.46 -19.00 20.98
C LEU C 65 -15.45 -18.31 20.06
N THR C 66 -15.97 -17.18 20.52
CA THR C 66 -16.68 -16.23 19.66
C THR C 66 -15.68 -15.16 19.22
N LEU C 67 -15.60 -14.93 17.91
CA LEU C 67 -14.60 -14.03 17.35
C LEU C 67 -15.14 -12.63 17.08
N LYS C 68 -14.30 -11.63 17.37
CA LYS C 68 -14.63 -10.23 17.12
C LYS C 68 -13.49 -9.55 16.36
N TYR C 69 -13.85 -8.69 15.41
CA TYR C 69 -12.90 -7.92 14.62
C TYR C 69 -12.89 -6.47 15.09
N PRO C 70 -11.79 -6.03 15.73
CA PRO C 70 -11.68 -4.66 16.25
C PRO C 70 -11.63 -3.57 15.16
N ILE C 71 -11.27 -3.94 13.94
CA ILE C 71 -11.25 -3.00 12.81
C ILE C 71 -12.31 -3.39 11.80
N GLU C 72 -13.20 -2.45 11.49
CA GLU C 72 -14.20 -2.66 10.44
C GLU C 72 -14.13 -1.60 9.36
N HIS C 73 -14.12 -2.06 8.11
CA HIS C 73 -13.94 -1.20 6.94
C HIS C 73 -12.72 -0.26 7.09
N GLY C 74 -11.64 -0.78 7.66
CA GLY C 74 -10.40 -0.02 7.81
C GLY C 74 -10.30 0.86 9.03
N ILE C 75 -11.42 1.01 9.75
CA ILE C 75 -11.50 1.91 10.91
C ILE C 75 -11.54 1.09 12.20
N ILE C 76 -10.71 1.47 13.17
CA ILE C 76 -10.74 0.84 14.50
C ILE C 76 -12.03 1.23 15.22
N THR C 77 -12.81 0.24 15.64
CA THR C 77 -14.07 0.52 16.35
C THR C 77 -14.18 -0.13 17.73
N ASN C 78 -13.23 -0.99 18.06
CA ASN C 78 -13.15 -1.61 19.39
C ASN C 78 -11.75 -1.41 19.94
N TRP C 79 -11.60 -0.41 20.80
CA TRP C 79 -10.28 0.02 21.28
C TRP C 79 -9.66 -0.88 22.35
N ASP C 80 -10.50 -1.56 23.14
CA ASP C 80 -10.01 -2.57 24.10
C ASP C 80 -9.47 -3.81 23.39
N ASP C 81 -10.17 -4.25 22.35
CA ASP C 81 -9.70 -5.37 21.53
C ASP C 81 -8.51 -4.99 20.66
N MET C 82 -8.44 -3.73 20.25
CA MET C 82 -7.32 -3.24 19.45
C MET C 82 -6.04 -3.20 20.27
N GLU C 83 -6.15 -2.84 21.55
CA GLU C 83 -5.02 -2.90 22.48
C GLU C 83 -4.50 -4.33 22.65
N LYS C 84 -5.41 -5.30 22.65
CA LYS C 84 -5.04 -6.72 22.71
C LYS C 84 -4.30 -7.15 21.44
N ILE C 85 -4.77 -6.68 20.28
CA ILE C 85 -4.07 -6.92 19.01
C ILE C 85 -2.64 -6.38 19.08
N TRP C 86 -2.50 -5.12 19.51
CA TRP C 86 -1.19 -4.47 19.60
C TRP C 86 -0.26 -5.11 20.63
N HIS C 87 -0.80 -5.50 21.79
CA HIS C 87 -0.02 -6.23 22.78
C HIS C 87 0.51 -7.53 22.18
N HIS C 88 -0.37 -8.26 21.50
CA HIS C 88 -0.02 -9.50 20.81
C HIS C 88 1.07 -9.31 19.74
N THR C 89 0.98 -8.20 19.01
CA THR C 89 1.97 -7.85 17.99
C THR C 89 3.34 -7.63 18.61
N PHE C 90 3.40 -6.78 19.64
CA PHE C 90 4.65 -6.45 20.30
C PHE C 90 5.29 -7.65 21.00
N TYR C 91 4.49 -8.38 21.77
CA TYR C 91 5.02 -9.41 22.67
C TYR C 91 5.05 -10.81 22.09
N ASN C 92 3.98 -11.21 21.42
CA ASN C 92 3.88 -12.56 20.88
C ASN C 92 4.52 -12.74 19.51
N GLU C 93 4.35 -11.76 18.63
CA GLU C 93 4.78 -11.91 17.24
C GLU C 93 6.16 -11.32 16.97
N LEU C 94 6.33 -10.03 17.25
CA LEU C 94 7.60 -9.36 17.05
C LEU C 94 8.57 -9.62 18.20
N ARG C 95 8.00 -9.95 19.36
CA ARG C 95 8.76 -10.26 20.58
C ARG C 95 9.76 -9.16 20.92
N VAL C 96 9.23 -7.95 21.12
CA VAL C 96 10.03 -6.78 21.44
C VAL C 96 9.54 -6.17 22.76
N ALA C 97 10.36 -5.28 23.33
CA ALA C 97 9.90 -4.40 24.39
C ALA C 97 9.52 -3.06 23.74
N PRO C 98 8.22 -2.76 23.67
CA PRO C 98 7.71 -1.57 22.95
C PRO C 98 8.41 -0.26 23.31
N GLU C 99 8.75 -0.10 24.58
CA GLU C 99 9.43 1.08 25.10
C GLU C 99 10.80 1.36 24.45
N GLU C 100 11.29 0.38 23.70
CA GLU C 100 12.61 0.46 23.08
C GLU C 100 12.56 0.89 21.61
N HIS C 101 11.38 0.83 21.00
CA HIS C 101 11.26 0.93 19.55
C HIS C 101 10.29 2.00 19.05
N PRO C 102 10.79 2.96 18.26
CA PRO C 102 9.91 3.86 17.51
C PRO C 102 8.96 3.07 16.63
N THR C 103 7.69 3.45 16.62
CA THR C 103 6.64 2.62 16.01
C THR C 103 5.83 3.38 14.97
N LEU C 104 5.98 2.97 13.70
CA LEU C 104 5.18 3.50 12.59
C LEU C 104 3.90 2.68 12.45
N LEU C 105 2.77 3.36 12.60
CA LEU C 105 1.46 2.72 12.37
C LEU C 105 0.84 3.28 11.10
N THR C 106 -0.12 2.53 10.56
CA THR C 106 -0.84 2.97 9.36
C THR C 106 -2.30 3.25 9.68
N GLU C 107 -2.92 4.10 8.86
CA GLU C 107 -4.33 4.42 9.00
C GLU C 107 -5.02 4.44 7.64
N ALA C 108 -6.33 4.24 7.64
CA ALA C 108 -7.15 4.35 6.44
C ALA C 108 -7.20 5.81 5.99
N PRO C 109 -7.41 6.04 4.68
CA PRO C 109 -7.75 7.38 4.22
C PRO C 109 -9.03 7.87 4.89
N LEU C 110 -9.05 9.16 5.24
CA LEU C 110 -10.20 9.81 5.89
C LEU C 110 -10.52 9.23 7.28
N ASN C 111 -9.51 8.65 7.93
CA ASN C 111 -9.65 8.12 9.29
C ASN C 111 -10.06 9.27 10.21
N PRO C 112 -11.15 9.09 10.98
CA PRO C 112 -11.59 10.12 11.93
C PRO C 112 -10.46 10.70 12.79
N LYS C 113 -10.45 12.02 12.95
CA LYS C 113 -9.43 12.74 13.72
C LYS C 113 -9.28 12.21 15.15
N ALA C 114 -10.39 11.88 15.78
CA ALA C 114 -10.40 11.36 17.15
C ALA C 114 -9.74 9.98 17.22
N ASN C 115 -9.81 9.23 16.12
CA ASN C 115 -9.15 7.92 16.05
C ASN C 115 -7.64 8.04 16.01
N ARG C 116 -7.15 9.02 15.25
CA ARG C 116 -5.71 9.28 15.15
C ARG C 116 -5.15 9.65 16.52
N GLU C 117 -5.88 10.50 17.24
CA GLU C 117 -5.49 10.90 18.60
C GLU C 117 -5.48 9.73 19.57
N LYS C 118 -6.50 8.87 19.48
CA LYS C 118 -6.65 7.72 20.37
C LYS C 118 -5.49 6.73 20.17
N MET C 119 -5.15 6.48 18.90
CA MET C 119 -4.02 5.66 18.49
C MET C 119 -2.71 6.18 19.08
N THR C 120 -2.51 7.50 18.98
CA THR C 120 -1.35 8.18 19.53
C THR C 120 -1.29 8.06 21.06
N GLN C 121 -2.43 8.28 21.71
CA GLN C 121 -2.53 8.20 23.16
C GLN C 121 -2.16 6.80 23.66
N ILE C 122 -2.76 5.77 23.06
CA ILE C 122 -2.50 4.39 23.45
C ILE C 122 -1.02 4.02 23.31
N MET C 123 -0.41 4.37 22.17
CA MET C 123 1.01 4.06 21.93
C MET C 123 1.92 4.66 23.01
N PHE C 124 1.69 5.92 23.35
CA PHE C 124 2.52 6.61 24.33
C PHE C 124 2.17 6.28 25.79
N GLU C 125 0.88 6.13 26.08
CA GLU C 125 0.42 5.98 27.48
C GLU C 125 0.25 4.53 27.93
N THR C 126 -0.12 3.65 27.01
CA THR C 126 -0.25 2.22 27.33
C THR C 126 1.05 1.48 27.05
N PHE C 127 1.60 1.67 25.85
CA PHE C 127 2.79 0.92 25.42
C PHE C 127 4.13 1.62 25.64
N ASN C 128 4.08 2.91 25.98
CA ASN C 128 5.27 3.70 26.35
C ASN C 128 6.35 3.79 25.27
N VAL C 129 5.93 3.73 24.00
CA VAL C 129 6.86 3.88 22.87
C VAL C 129 7.67 5.18 22.98
N PRO C 130 8.93 5.14 22.56
CA PRO C 130 9.77 6.35 22.56
C PRO C 130 9.37 7.38 21.50
N ALA C 131 8.81 6.89 20.40
CA ALA C 131 8.40 7.73 19.27
C ALA C 131 7.37 6.96 18.46
N MET C 132 6.55 7.70 17.71
CA MET C 132 5.60 7.09 16.79
C MET C 132 5.21 8.01 15.63
N TYR C 133 4.62 7.41 14.61
CA TYR C 133 4.18 8.11 13.42
C TYR C 133 2.98 7.34 12.89
N VAL C 134 2.03 8.06 12.27
CA VAL C 134 0.90 7.43 11.60
C VAL C 134 0.90 7.84 10.12
N ALA C 135 0.96 6.86 9.22
CA ALA C 135 0.92 7.14 7.79
C ALA C 135 -0.35 6.59 7.13
N ILE C 136 -0.77 7.23 6.04
CA ILE C 136 -1.92 6.76 5.28
C ILE C 136 -1.49 5.57 4.41
N GLN C 137 -2.26 4.49 4.49
CA GLN C 137 -1.92 3.21 3.85
C GLN C 137 -1.71 3.32 2.34
N ALA C 138 -2.67 3.95 1.66
CA ALA C 138 -2.59 4.11 0.20
C ALA C 138 -1.36 4.90 -0.24
N VAL C 139 -0.99 5.93 0.53
CA VAL C 139 0.19 6.74 0.21
C VAL C 139 1.48 5.92 0.32
N LEU C 140 1.59 5.14 1.40
CA LEU C 140 2.72 4.20 1.56
C LEU C 140 2.86 3.24 0.38
N SER C 141 1.73 2.73 -0.11
CA SER C 141 1.71 1.85 -1.28
C SER C 141 2.24 2.52 -2.52
N LEU C 142 1.85 3.77 -2.75
CA LEU C 142 2.35 4.54 -3.88
C LEU C 142 3.87 4.70 -3.79
N TYR C 143 4.36 5.06 -2.60
CA TYR C 143 5.80 5.20 -2.35
C TYR C 143 6.55 3.91 -2.67
N ALA C 144 6.02 2.77 -2.21
CA ALA C 144 6.63 1.47 -2.46
C ALA C 144 6.77 1.17 -3.96
N SER C 145 5.89 1.77 -4.78
CA SER C 145 5.95 1.61 -6.23
C SER C 145 6.93 2.59 -6.90
N GLY C 146 7.60 3.40 -6.09
CA GLY C 146 8.55 4.39 -6.58
C GLY C 146 7.91 5.57 -7.29
N ARG C 147 6.79 6.05 -6.75
CA ARG C 147 6.03 7.18 -7.33
C ARG C 147 5.65 8.19 -6.26
N THR C 148 5.49 9.44 -6.67
CA THR C 148 4.95 10.48 -5.78
C THR C 148 3.58 10.93 -6.24
N THR C 149 3.24 10.63 -7.50
CA THR C 149 1.96 11.01 -8.07
C THR C 149 1.28 9.79 -8.69
N GLY C 150 0.00 9.63 -8.42
CA GLY C 150 -0.78 8.55 -8.99
C GLY C 150 -2.08 8.34 -8.25
N ILE C 151 -2.85 7.37 -8.71
CA ILE C 151 -4.09 7.01 -8.03
C ILE C 151 -4.01 5.56 -7.57
N VAL C 152 -4.19 5.36 -6.28
CA VAL C 152 -4.11 4.02 -5.70
C VAL C 152 -5.50 3.39 -5.62
N LEU C 153 -5.60 2.15 -6.09
CA LEU C 153 -6.76 1.31 -5.76
C LEU C 153 -6.30 0.34 -4.67
N ASP C 154 -6.70 0.63 -3.44
CA ASP C 154 -6.35 -0.22 -2.30
C ASP C 154 -7.60 -0.99 -1.91
N SER C 155 -7.55 -2.32 -1.99
CA SER C 155 -8.69 -3.16 -1.66
C SER C 155 -8.27 -4.32 -0.77
N GLY C 156 -8.79 -4.35 0.45
CA GLY C 156 -8.41 -5.39 1.40
C GLY C 156 -9.50 -6.40 1.70
N ASP C 157 -9.66 -6.72 2.98
CA ASP C 157 -10.69 -7.63 3.44
C ASP C 157 -12.00 -6.90 3.77
N GLY C 158 -11.88 -5.66 4.25
CA GLY C 158 -13.04 -4.91 4.73
C GLY C 158 -13.44 -3.67 3.93
N VAL C 159 -12.48 -3.08 3.21
CA VAL C 159 -12.74 -1.82 2.50
C VAL C 159 -11.94 -1.66 1.21
N THR C 160 -12.49 -0.87 0.28
CA THR C 160 -11.83 -0.51 -0.97
C THR C 160 -11.84 1.03 -1.07
N HIS C 161 -10.67 1.61 -1.33
CA HIS C 161 -10.54 3.05 -1.56
C HIS C 161 -9.91 3.35 -2.91
N ASN C 162 -10.31 4.48 -3.49
CA ASN C 162 -9.56 5.12 -4.56
C ASN C 162 -8.92 6.35 -3.98
N VAL C 163 -7.58 6.42 -4.04
CA VAL C 163 -6.86 7.53 -3.43
C VAL C 163 -5.93 8.19 -4.44
N PRO C 164 -6.35 9.32 -5.01
CA PRO C 164 -5.46 10.12 -5.86
C PRO C 164 -4.44 10.90 -5.03
N ILE C 165 -3.20 10.91 -5.50
CA ILE C 165 -2.09 11.48 -4.75
C ILE C 165 -1.25 12.34 -5.70
N TYR C 166 -0.90 13.54 -5.27
CA TYR C 166 -0.08 14.43 -6.10
C TYR C 166 1.10 14.95 -5.31
N GLU C 167 2.29 14.75 -5.89
CA GLU C 167 3.55 15.19 -5.29
C GLU C 167 3.67 14.78 -3.81
N GLY C 168 3.26 13.54 -3.52
CA GLY C 168 3.45 12.93 -2.21
C GLY C 168 2.25 12.94 -1.29
N TYR C 169 1.20 13.68 -1.64
CA TYR C 169 0.05 13.86 -0.74
C TYR C 169 -1.31 13.55 -1.37
N ALA C 170 -2.11 12.80 -0.63
CA ALA C 170 -3.47 12.46 -1.04
C ALA C 170 -4.32 13.72 -1.20
N LEU C 171 -5.28 13.65 -2.11
CA LEU C 171 -6.22 14.75 -2.32
C LEU C 171 -7.56 14.31 -1.70
N PRO C 172 -7.82 14.78 -0.48
CA PRO C 172 -8.92 14.25 0.34
C PRO C 172 -10.31 14.34 -0.29
N HIS C 173 -10.58 15.43 -1.00
CA HIS C 173 -11.87 15.68 -1.64
C HIS C 173 -12.20 14.64 -2.72
N ALA C 174 -11.16 14.04 -3.30
CA ALA C 174 -11.31 13.13 -4.44
C ALA C 174 -11.26 11.66 -4.03
N ILE C 175 -11.01 11.39 -2.74
CA ILE C 175 -10.97 10.01 -2.24
C ILE C 175 -12.36 9.39 -2.29
N MET C 176 -12.43 8.17 -2.81
CA MET C 176 -13.66 7.38 -2.84
C MET C 176 -13.54 6.17 -1.91
N ARG C 177 -14.57 5.95 -1.10
CA ARG C 177 -14.66 4.75 -0.27
C ARG C 177 -15.71 3.80 -0.81
N LEU C 178 -15.40 2.51 -0.85
CA LEU C 178 -16.33 1.47 -1.24
C LEU C 178 -16.32 0.35 -0.20
N ASP C 179 -17.44 0.17 0.49
CA ASP C 179 -17.58 -0.90 1.50
C ASP C 179 -17.83 -2.27 0.86
N LEU C 180 -17.13 -2.55 -0.23
CA LEU C 180 -17.15 -3.83 -0.88
C LEU C 180 -15.70 -4.27 -0.99
N ALA C 181 -15.37 -5.38 -0.36
CA ALA C 181 -14.01 -5.89 -0.37
C ALA C 181 -13.99 -7.41 -0.20
N GLY C 182 -12.84 -7.95 0.22
CA GLY C 182 -12.61 -9.39 0.29
C GLY C 182 -13.60 -10.23 1.06
N ARG C 183 -14.07 -9.73 2.19
CA ARG C 183 -15.03 -10.47 3.01
C ARG C 183 -16.40 -10.57 2.33
N ASP C 184 -16.80 -9.50 1.65
CA ASP C 184 -18.03 -9.50 0.85
C ASP C 184 -17.94 -10.50 -0.30
N LEU C 185 -16.77 -10.56 -0.92
CA LEU C 185 -16.50 -11.51 -2.00
C LEU C 185 -16.54 -12.96 -1.51
N THR C 186 -15.95 -13.19 -0.35
CA THR C 186 -15.97 -14.51 0.31
C THR C 186 -17.41 -14.94 0.60
N ASP C 187 -18.20 -14.05 1.20
CA ASP C 187 -19.63 -14.30 1.48
C ASP C 187 -20.45 -14.60 0.22
N TYR C 188 -20.19 -13.86 -0.85
CA TYR C 188 -20.86 -14.09 -2.12
C TYR C 188 -20.46 -15.44 -2.75
N LEU C 189 -19.19 -15.79 -2.67
CA LEU C 189 -18.76 -17.08 -3.20
C LEU C 189 -19.43 -18.23 -2.43
N MET C 190 -19.63 -18.03 -1.12
CA MET C 190 -20.34 -18.99 -0.28
C MET C 190 -21.76 -19.20 -0.77
N LYS C 191 -22.43 -18.09 -1.10
CA LYS C 191 -23.80 -18.09 -1.57
C LYS C 191 -23.95 -18.85 -2.90
N ILE C 192 -23.11 -18.52 -3.89
CA ILE C 192 -23.22 -19.14 -5.21
C ILE C 192 -22.67 -20.57 -5.28
N LEU C 193 -21.76 -20.91 -4.37
CA LEU C 193 -21.33 -22.29 -4.20
C LEU C 193 -22.40 -23.13 -3.49
N THR C 194 -23.14 -22.49 -2.59
CA THR C 194 -24.31 -23.12 -1.97
C THR C 194 -25.37 -23.43 -3.02
N GLU C 195 -25.65 -22.45 -3.89
CA GLU C 195 -26.59 -22.61 -5.00
C GLU C 195 -26.20 -23.76 -5.92
N ARG C 196 -24.89 -24.02 -6.01
CA ARG C 196 -24.35 -25.10 -6.82
C ARG C 196 -24.52 -26.49 -6.16
N GLY C 197 -25.02 -26.51 -4.94
CA GLY C 197 -25.34 -27.78 -4.26
C GLY C 197 -24.63 -28.01 -2.94
N TYR C 198 -23.60 -27.21 -2.67
CA TYR C 198 -22.79 -27.38 -1.46
C TYR C 198 -23.39 -26.63 -0.27
N SER C 199 -22.84 -26.86 0.92
CA SER C 199 -23.35 -26.21 2.12
C SER C 199 -22.24 -25.47 2.87
N PHE C 200 -22.04 -24.21 2.49
CA PHE C 200 -21.11 -23.32 3.18
C PHE C 200 -21.91 -22.19 3.81
N VAL C 201 -22.02 -22.21 5.14
CA VAL C 201 -22.83 -21.22 5.85
C VAL C 201 -22.21 -20.76 7.19
N THR C 202 -21.58 -21.70 7.90
CA THR C 202 -20.98 -21.40 9.21
C THR C 202 -19.67 -20.61 9.07
N THR C 203 -19.19 -20.05 10.18
CA THR C 203 -17.99 -19.20 10.18
C THR C 203 -16.71 -20.00 9.94
N ALA C 204 -16.68 -21.24 10.42
CA ALA C 204 -15.57 -22.16 10.15
C ALA C 204 -15.45 -22.43 8.65
N GLU C 205 -16.59 -22.64 8.01
CA GLU C 205 -16.68 -22.89 6.56
C GLU C 205 -16.35 -21.64 5.72
N ARG C 206 -16.54 -20.46 6.31
CA ARG C 206 -16.19 -19.18 5.65
C ARG C 206 -14.73 -19.16 5.24
N GLU C 207 -13.87 -19.68 6.10
CA GLU C 207 -12.42 -19.65 5.88
C GLU C 207 -11.99 -20.63 4.79
N ILE C 208 -12.73 -21.74 4.65
CA ILE C 208 -12.51 -22.68 3.55
C ILE C 208 -12.84 -22.05 2.20
N VAL C 209 -13.94 -21.30 2.15
CA VAL C 209 -14.37 -20.61 0.93
C VAL C 209 -13.44 -19.45 0.58
N ARG C 210 -12.90 -18.79 1.61
CA ARG C 210 -11.88 -17.76 1.42
C ARG C 210 -10.66 -18.34 0.71
N ASP C 211 -10.25 -19.54 1.10
CA ASP C 211 -9.14 -20.22 0.45
C ASP C 211 -9.44 -20.59 -1.00
N ILE C 212 -10.65 -21.08 -1.27
CA ILE C 212 -11.09 -21.35 -2.65
C ILE C 212 -10.97 -20.07 -3.48
N LYS C 213 -11.54 -18.98 -2.94
CA LYS C 213 -11.47 -17.65 -3.56
C LYS C 213 -10.04 -17.27 -3.94
N GLU C 214 -9.12 -17.44 -3.00
CA GLU C 214 -7.71 -17.05 -3.17
C GLU C 214 -6.96 -17.91 -4.19
N LYS C 215 -7.34 -19.18 -4.31
CA LYS C 215 -6.64 -20.13 -5.17
C LYS C 215 -7.22 -20.27 -6.58
N LEU C 216 -8.54 -20.12 -6.69
CA LEU C 216 -9.23 -20.48 -7.93
C LEU C 216 -9.92 -19.34 -8.70
N CYS C 217 -10.21 -18.25 -8.01
CA CYS C 217 -10.94 -17.15 -8.63
C CYS C 217 -10.05 -16.31 -9.54
N TYR C 218 -10.67 -15.68 -10.55
CA TYR C 218 -9.97 -14.78 -11.47
C TYR C 218 -10.96 -13.78 -12.06
N VAL C 219 -10.43 -12.67 -12.59
CA VAL C 219 -11.26 -11.67 -13.23
C VAL C 219 -11.27 -11.90 -14.74
N ALA C 220 -12.47 -11.99 -15.29
CA ALA C 220 -12.66 -12.19 -16.73
C ALA C 220 -12.42 -10.88 -17.48
N LEU C 221 -11.65 -10.96 -18.57
CA LEU C 221 -11.43 -9.80 -19.44
C LEU C 221 -12.76 -9.29 -20.00
N ASP C 222 -13.56 -10.22 -20.55
CA ASP C 222 -14.94 -9.92 -20.92
C ASP C 222 -15.85 -10.95 -20.27
N PHE C 223 -16.72 -10.46 -19.37
CA PHE C 223 -17.54 -11.32 -18.52
C PHE C 223 -18.55 -12.18 -19.28
N GLU C 224 -19.33 -11.55 -20.15
CA GLU C 224 -20.35 -12.25 -20.95
C GLU C 224 -19.75 -13.35 -21.83
N ASN C 225 -18.57 -13.09 -22.40
CA ASN C 225 -17.84 -14.10 -23.17
C ASN C 225 -17.37 -15.28 -22.33
N GLU C 226 -17.00 -14.99 -21.09
CA GLU C 226 -16.54 -16.03 -20.18
C GLU C 226 -17.67 -16.93 -19.73
N MET C 227 -18.84 -16.35 -19.52
CA MET C 227 -20.04 -17.08 -19.14
C MET C 227 -20.40 -18.11 -20.23
N ALA C 228 -20.36 -17.66 -21.49
CA ALA C 228 -20.61 -18.53 -22.65
C ALA C 228 -19.57 -19.63 -22.83
N THR C 229 -18.32 -19.34 -22.45
CA THR C 229 -17.25 -20.35 -22.49
C THR C 229 -17.49 -21.43 -21.43
N ALA C 230 -17.89 -21.00 -20.24
CA ALA C 230 -18.17 -21.93 -19.13
C ALA C 230 -19.45 -22.73 -19.38
N ALA C 231 -20.30 -22.23 -20.27
CA ALA C 231 -21.56 -22.88 -20.60
C ALA C 231 -21.41 -23.89 -21.73
N SER C 232 -20.39 -23.70 -22.56
CA SER C 232 -20.17 -24.54 -23.74
C SER C 232 -18.90 -25.38 -23.63
N SER C 233 -18.27 -25.31 -22.46
CA SER C 233 -17.04 -26.06 -22.17
C SER C 233 -16.99 -26.36 -20.67
N SER C 234 -16.05 -27.22 -20.28
CA SER C 234 -15.77 -27.49 -18.86
C SER C 234 -14.31 -27.19 -18.54
N SER C 235 -13.59 -26.67 -19.53
CA SER C 235 -12.17 -26.33 -19.40
C SER C 235 -11.91 -25.13 -18.47
N LEU C 236 -12.98 -24.49 -18.02
CA LEU C 236 -12.90 -23.40 -17.04
C LEU C 236 -13.20 -23.91 -15.63
N GLU C 237 -13.51 -25.20 -15.52
CA GLU C 237 -13.84 -25.82 -14.24
C GLU C 237 -12.59 -26.29 -13.50
N LYS C 238 -12.63 -26.18 -12.17
CA LYS C 238 -11.53 -26.63 -11.33
C LYS C 238 -12.08 -27.43 -10.15
N SER C 239 -11.20 -28.23 -9.54
CA SER C 239 -11.54 -29.02 -8.37
C SER C 239 -10.83 -28.49 -7.12
N TYR C 240 -11.52 -28.56 -5.97
CA TYR C 240 -10.93 -28.17 -4.70
C TYR C 240 -11.21 -29.22 -3.64
N GLU C 241 -10.16 -29.65 -2.95
CA GLU C 241 -10.26 -30.65 -1.89
C GLU C 241 -10.61 -29.98 -0.56
N LEU C 242 -11.77 -30.34 -0.02
CA LEU C 242 -12.20 -29.88 1.30
C LEU C 242 -11.37 -30.55 2.41
N PRO C 243 -11.39 -30.00 3.62
CA PRO C 243 -10.61 -30.56 4.74
C PRO C 243 -10.95 -32.03 5.04
N ASP C 244 -12.23 -32.37 4.98
CA ASP C 244 -12.69 -33.75 5.22
C ASP C 244 -12.29 -34.70 4.09
N GLY C 245 -11.92 -34.15 2.94
CA GLY C 245 -11.46 -34.95 1.80
C GLY C 245 -12.35 -34.86 0.58
N GLN C 246 -13.54 -34.31 0.76
CA GLN C 246 -14.51 -34.13 -0.33
C GLN C 246 -13.97 -33.19 -1.41
N VAL C 247 -13.88 -33.71 -2.63
CA VAL C 247 -13.48 -32.92 -3.79
C VAL C 247 -14.71 -32.25 -4.39
N ILE C 248 -14.71 -30.93 -4.44
CA ILE C 248 -15.83 -30.16 -4.99
C ILE C 248 -15.41 -29.46 -6.29
N THR C 249 -16.38 -29.12 -7.13
CA THR C 249 -16.11 -28.48 -8.41
C THR C 249 -16.53 -27.01 -8.42
N ILE C 250 -15.70 -26.18 -9.04
CA ILE C 250 -16.00 -24.75 -9.23
C ILE C 250 -15.99 -24.42 -10.72
N GLY C 251 -17.11 -23.90 -11.21
CA GLY C 251 -17.26 -23.56 -12.61
C GLY C 251 -17.17 -22.06 -12.84
N ASN C 252 -18.27 -21.46 -13.31
CA ASN C 252 -18.30 -20.02 -13.56
C ASN C 252 -18.22 -19.15 -12.30
N GLU C 253 -18.40 -19.78 -11.13
CA GLU C 253 -18.25 -19.11 -9.83
C GLU C 253 -16.84 -18.51 -9.67
N ARG C 254 -15.86 -19.12 -10.33
CA ARG C 254 -14.47 -18.66 -10.34
C ARG C 254 -14.33 -17.18 -10.74
N PHE C 255 -15.03 -16.77 -11.78
CA PHE C 255 -14.94 -15.38 -12.24
C PHE C 255 -16.16 -14.53 -11.86
N ARG C 256 -17.25 -15.19 -11.50
CA ARG C 256 -18.46 -14.51 -11.05
C ARG C 256 -18.25 -13.82 -9.70
N CYS C 257 -17.48 -14.46 -8.82
CA CYS C 257 -17.15 -13.91 -7.51
C CYS C 257 -16.48 -12.52 -7.58
N PRO C 258 -15.27 -12.41 -8.15
CA PRO C 258 -14.60 -11.11 -8.28
C PRO C 258 -15.26 -10.13 -9.27
N GLU C 259 -16.08 -10.62 -10.19
CA GLU C 259 -16.84 -9.75 -11.08
C GLU C 259 -17.69 -8.76 -10.29
N THR C 260 -18.06 -9.15 -9.08
CA THR C 260 -18.75 -8.29 -8.11
C THR C 260 -18.06 -6.93 -7.89
N LEU C 261 -16.74 -6.91 -7.98
CA LEU C 261 -15.99 -5.67 -7.87
C LEU C 261 -16.36 -4.67 -8.96
N PHE C 262 -16.63 -5.19 -10.15
CA PHE C 262 -17.00 -4.39 -11.30
C PHE C 262 -18.52 -4.22 -11.42
N GLN C 263 -19.27 -5.18 -10.88
CA GLN C 263 -20.74 -5.13 -10.86
C GLN C 263 -21.27 -5.40 -9.45
N PRO C 264 -21.28 -4.37 -8.59
CA PRO C 264 -21.73 -4.53 -7.20
C PRO C 264 -23.21 -4.87 -7.04
N SER C 265 -23.99 -4.78 -8.12
CA SER C 265 -25.39 -5.22 -8.13
C SER C 265 -25.52 -6.74 -7.89
N PHE C 266 -24.42 -7.47 -8.13
CA PHE C 266 -24.33 -8.91 -7.86
C PHE C 266 -24.65 -9.27 -6.40
N ILE C 267 -24.48 -8.32 -5.50
CA ILE C 267 -24.80 -8.51 -4.08
C ILE C 267 -25.80 -7.48 -3.54
N GLY C 268 -26.56 -6.86 -4.46
CA GLY C 268 -27.61 -5.92 -4.09
C GLY C 268 -27.15 -4.53 -3.76
N MET C 269 -25.93 -4.18 -4.18
CA MET C 269 -25.38 -2.85 -3.98
C MET C 269 -25.67 -1.92 -5.14
N GLU C 270 -25.99 -0.67 -4.84
CA GLU C 270 -26.28 0.34 -5.85
C GLU C 270 -25.04 1.08 -6.34
N SER C 271 -23.90 0.80 -5.71
CA SER C 271 -22.65 1.50 -5.99
C SER C 271 -22.07 1.18 -7.36
N ALA C 272 -21.39 2.17 -7.93
CA ALA C 272 -20.55 1.97 -9.10
C ALA C 272 -19.44 0.97 -8.76
N GLY C 273 -18.99 0.21 -9.75
CA GLY C 273 -17.88 -0.73 -9.59
C GLY C 273 -16.53 -0.04 -9.58
N ILE C 274 -15.49 -0.76 -9.18
CA ILE C 274 -14.15 -0.19 -8.96
C ILE C 274 -13.57 0.63 -10.12
N HIS C 275 -13.90 0.26 -11.36
CA HIS C 275 -13.45 1.01 -12.53
C HIS C 275 -14.10 2.39 -12.60
N GLU C 276 -15.40 2.43 -12.28
CA GLU C 276 -16.18 3.66 -12.29
C GLU C 276 -15.78 4.60 -11.15
N THR C 277 -15.54 4.06 -9.95
CA THR C 277 -15.08 4.89 -8.84
C THR C 277 -13.68 5.47 -9.12
N THR C 278 -12.82 4.68 -9.78
CA THR C 278 -11.50 5.16 -10.21
C THR C 278 -11.63 6.38 -11.13
N TYR C 279 -12.47 6.25 -12.17
CA TYR C 279 -12.74 7.33 -13.10
C TYR C 279 -13.36 8.56 -12.39
N ASN C 280 -14.34 8.32 -11.53
CA ASN C 280 -14.99 9.38 -10.76
C ASN C 280 -14.00 10.11 -9.86
N SER C 281 -13.10 9.34 -9.25
CA SER C 281 -12.07 9.91 -8.40
C SER C 281 -11.12 10.82 -9.19
N ILE C 282 -10.61 10.31 -10.30
CA ILE C 282 -9.75 11.09 -11.21
C ILE C 282 -10.45 12.39 -11.65
N MET C 283 -11.76 12.30 -11.93
CA MET C 283 -12.53 13.43 -12.44
C MET C 283 -12.84 14.48 -11.38
N LYS C 284 -12.61 14.14 -10.12
CA LYS C 284 -12.75 15.11 -9.02
C LYS C 284 -11.45 15.88 -8.82
N CYS C 285 -10.41 15.49 -9.54
CA CYS C 285 -9.12 16.16 -9.49
C CYS C 285 -8.98 17.20 -10.62
N ASP C 286 -8.10 18.16 -10.40
CA ASP C 286 -7.71 19.18 -11.38
C ASP C 286 -7.37 18.54 -12.73
N ILE C 287 -7.94 19.07 -13.81
CA ILE C 287 -7.71 18.52 -15.15
C ILE C 287 -6.23 18.44 -15.50
N ASP C 288 -5.44 19.35 -14.93
CA ASP C 288 -4.00 19.45 -15.17
C ASP C 288 -3.17 18.26 -14.66
N ILE C 289 -3.71 17.50 -13.70
CA ILE C 289 -2.99 16.35 -13.15
C ILE C 289 -3.55 14.98 -13.57
N ARG C 290 -4.71 14.98 -14.23
CA ARG C 290 -5.41 13.73 -14.58
C ARG C 290 -4.57 12.81 -15.44
N LYS C 291 -3.83 13.39 -16.37
CA LYS C 291 -2.93 12.63 -17.25
C LYS C 291 -1.95 11.76 -16.44
N ASP C 292 -1.35 12.34 -15.39
CA ASP C 292 -0.44 11.63 -14.50
C ASP C 292 -1.15 10.60 -13.63
N LEU C 293 -2.42 10.86 -13.33
CA LEU C 293 -3.23 9.92 -12.57
C LEU C 293 -3.52 8.67 -13.40
N TYR C 294 -3.96 8.87 -14.65
CA TYR C 294 -4.27 7.79 -15.58
C TYR C 294 -3.07 6.92 -15.90
N ALA C 295 -1.89 7.53 -15.94
CA ALA C 295 -0.66 6.83 -16.29
C ALA C 295 -0.03 6.11 -15.09
N ASN C 296 -0.62 6.30 -13.91
CA ASN C 296 -0.06 5.74 -12.67
C ASN C 296 -1.14 5.20 -11.74
N ASN C 297 -1.92 4.24 -12.25
CA ASN C 297 -2.92 3.53 -11.47
C ASN C 297 -2.28 2.38 -10.71
N VAL C 298 -2.13 2.53 -9.39
CA VAL C 298 -1.42 1.54 -8.61
C VAL C 298 -2.38 0.70 -7.76
N MET C 299 -2.30 -0.61 -7.92
CA MET C 299 -3.14 -1.55 -7.17
C MET C 299 -2.43 -2.09 -5.93
N SER C 300 -3.12 -2.11 -4.81
CA SER C 300 -2.57 -2.66 -3.57
C SER C 300 -3.63 -3.35 -2.75
N GLY C 301 -3.20 -4.23 -1.84
CA GLY C 301 -4.12 -4.99 -1.01
C GLY C 301 -4.48 -6.34 -1.60
N GLY C 302 -4.86 -7.27 -0.72
CA GLY C 302 -5.17 -8.65 -1.10
C GLY C 302 -6.24 -8.84 -2.15
N THR C 303 -7.25 -7.98 -2.16
CA THR C 303 -8.38 -8.13 -3.08
C THR C 303 -8.09 -7.69 -4.52
N THR C 304 -6.91 -7.09 -4.75
CA THR C 304 -6.43 -6.79 -6.11
C THR C 304 -5.54 -7.91 -6.66
N MET C 305 -5.49 -9.05 -5.96
CA MET C 305 -4.58 -10.14 -6.31
C MET C 305 -5.11 -11.12 -7.37
N TYR C 306 -6.38 -11.00 -7.73
CA TYR C 306 -6.99 -11.88 -8.73
C TYR C 306 -6.25 -11.80 -10.05
N PRO C 307 -5.85 -12.96 -10.59
CA PRO C 307 -5.35 -13.02 -11.96
C PRO C 307 -6.37 -12.36 -12.90
N GLY C 308 -5.87 -11.54 -13.81
CA GLY C 308 -6.72 -10.83 -14.77
C GLY C 308 -7.22 -9.45 -14.38
N ILE C 309 -7.12 -9.09 -13.11
CA ILE C 309 -7.69 -7.80 -12.65
C ILE C 309 -7.05 -6.56 -13.28
N ALA C 310 -5.72 -6.57 -13.45
CA ALA C 310 -4.99 -5.44 -14.04
C ALA C 310 -5.37 -5.23 -15.51
N ASP C 311 -5.41 -6.33 -16.27
CA ASP C 311 -5.86 -6.30 -17.67
C ASP C 311 -7.30 -5.83 -17.82
N ARG C 312 -8.16 -6.28 -16.91
CA ARG C 312 -9.57 -5.87 -16.92
C ARG C 312 -9.72 -4.38 -16.60
N MET C 313 -9.00 -3.92 -15.58
CA MET C 313 -9.00 -2.50 -15.21
C MET C 313 -8.48 -1.62 -16.34
N GLN C 314 -7.42 -2.08 -17.02
CA GLN C 314 -6.86 -1.40 -18.17
C GLN C 314 -7.93 -1.20 -19.25
N LYS C 315 -8.63 -2.29 -19.58
CA LYS C 315 -9.74 -2.28 -20.53
C LYS C 315 -10.85 -1.33 -20.11
N GLU C 316 -11.28 -1.44 -18.85
CA GLU C 316 -12.42 -0.66 -18.37
C GLU C 316 -12.13 0.83 -18.27
N ILE C 317 -10.94 1.20 -17.80
CA ILE C 317 -10.58 2.62 -17.70
C ILE C 317 -10.31 3.26 -19.07
N THR C 318 -9.70 2.49 -19.97
CA THR C 318 -9.55 2.90 -21.37
C THR C 318 -10.91 3.28 -21.99
N ALA C 319 -11.91 2.44 -21.74
CA ALA C 319 -13.26 2.69 -22.24
C ALA C 319 -13.90 3.95 -21.67
N LEU C 320 -13.48 4.36 -20.46
CA LEU C 320 -14.01 5.57 -19.80
C LEU C 320 -13.22 6.86 -20.07
N ALA C 321 -11.92 6.73 -20.27
CA ALA C 321 -11.03 7.87 -20.46
C ALA C 321 -11.04 8.39 -21.91
N PRO C 322 -10.61 9.65 -22.12
CA PRO C 322 -10.39 10.15 -23.48
C PRO C 322 -9.45 9.22 -24.25
N SER C 323 -9.74 9.00 -25.53
CA SER C 323 -9.07 7.95 -26.31
C SER C 323 -7.56 8.16 -26.48
N THR C 324 -7.09 9.37 -26.22
CA THR C 324 -5.68 9.72 -26.36
C THR C 324 -4.94 9.69 -25.01
N MET C 325 -5.63 9.23 -23.97
CA MET C 325 -5.03 9.13 -22.65
C MET C 325 -4.15 7.89 -22.55
N LYS C 326 -2.93 8.09 -22.07
CA LYS C 326 -2.05 6.98 -21.76
C LYS C 326 -2.46 6.38 -20.41
N ILE C 327 -2.97 5.16 -20.45
CA ILE C 327 -3.42 4.46 -19.25
C ILE C 327 -2.47 3.32 -18.88
N LYS C 328 -2.11 3.26 -17.61
CA LYS C 328 -1.22 2.24 -17.11
C LYS C 328 -1.66 1.76 -15.75
N ILE C 329 -1.87 0.44 -15.63
CA ILE C 329 -2.18 -0.19 -14.35
C ILE C 329 -0.92 -0.85 -13.83
N ILE C 330 -0.51 -0.46 -12.63
CA ILE C 330 0.66 -1.06 -12.01
C ILE C 330 0.20 -2.02 -10.92
N ALA C 331 0.54 -3.30 -11.08
CA ALA C 331 0.11 -4.32 -10.14
C ALA C 331 1.30 -5.16 -9.69
N PRO C 332 2.03 -4.66 -8.69
CA PRO C 332 3.22 -5.33 -8.20
C PRO C 332 2.87 -6.73 -7.66
N PRO C 333 3.69 -7.74 -7.94
CA PRO C 333 3.45 -9.08 -7.36
C PRO C 333 3.35 -9.05 -5.82
N GLU C 334 4.13 -8.18 -5.18
CA GLU C 334 4.16 -8.05 -3.71
C GLU C 334 3.05 -7.18 -3.09
N ARG C 335 2.00 -6.86 -3.86
CA ARG C 335 1.02 -5.85 -3.43
C ARG C 335 0.12 -6.16 -2.22
N LYS C 336 0.12 -7.41 -1.76
CA LYS C 336 -0.49 -7.73 -0.45
C LYS C 336 0.29 -7.08 0.70
N TYR C 337 1.56 -6.79 0.45
CA TYR C 337 2.43 -6.19 1.46
C TYR C 337 2.94 -4.78 1.11
N SER C 338 2.43 -4.19 0.03
CA SER C 338 2.89 -2.87 -0.46
C SER C 338 2.83 -1.79 0.59
N VAL C 339 1.72 -1.73 1.33
CA VAL C 339 1.55 -0.76 2.42
C VAL C 339 2.67 -0.93 3.43
N TRP C 340 2.87 -2.15 3.90
CA TRP C 340 3.91 -2.42 4.89
C TRP C 340 5.30 -2.05 4.36
N ILE C 341 5.59 -2.45 3.11
CA ILE C 341 6.91 -2.21 2.51
C ILE C 341 7.19 -0.71 2.40
N GLY C 342 6.19 0.06 1.97
CA GLY C 342 6.29 1.52 1.92
C GLY C 342 6.63 2.09 3.29
N GLY C 343 5.99 1.55 4.34
CA GLY C 343 6.27 1.95 5.72
C GLY C 343 7.68 1.59 6.17
N SER C 344 8.16 0.42 5.73
CA SER C 344 9.50 -0.04 6.06
C SER C 344 10.57 0.87 5.46
N ILE C 345 10.34 1.32 4.23
CA ILE C 345 11.25 2.22 3.54
C ILE C 345 11.21 3.59 4.23
N LEU C 346 10.00 4.12 4.41
CA LEU C 346 9.82 5.43 5.04
C LEU C 346 10.52 5.54 6.40
N ALA C 347 10.26 4.56 7.27
CA ALA C 347 10.86 4.53 8.61
C ALA C 347 12.39 4.38 8.59
N SER C 348 12.94 3.88 7.48
CA SER C 348 14.39 3.63 7.40
C SER C 348 15.22 4.81 6.90
N LEU C 349 14.56 5.81 6.34
CA LEU C 349 15.27 6.93 5.72
C LEU C 349 16.00 7.76 6.76
N SER C 350 17.23 8.16 6.42
CA SER C 350 18.03 9.04 7.26
C SER C 350 17.29 10.33 7.60
N THR C 351 16.40 10.74 6.71
CA THR C 351 15.64 11.98 6.88
C THR C 351 14.37 11.81 7.73
N PHE C 352 14.09 10.60 8.18
CA PHE C 352 12.87 10.36 8.96
C PHE C 352 13.06 10.56 10.46
N GLN C 353 14.31 10.62 10.90
CA GLN C 353 14.64 10.72 12.34
C GLN C 353 13.98 11.91 13.04
N GLN C 354 13.83 13.02 12.31
CA GLN C 354 13.23 14.24 12.86
C GLN C 354 11.70 14.29 12.73
N MET C 355 11.13 13.32 12.01
CA MET C 355 9.71 13.36 11.67
C MET C 355 8.82 12.62 12.66
N TRP C 356 9.42 11.75 13.46
CA TRP C 356 8.71 11.04 14.53
C TRP C 356 8.12 12.02 15.52
N ILE C 357 6.95 11.68 16.07
CA ILE C 357 6.46 12.31 17.29
C ILE C 357 7.20 11.63 18.44
N THR C 358 7.98 12.38 19.19
CA THR C 358 8.70 11.84 20.34
C THR C 358 7.81 11.85 21.59
N LYS C 359 8.15 11.02 22.58
CA LYS C 359 7.43 11.00 23.86
C LYS C 359 7.42 12.37 24.53
N GLN C 360 8.55 13.08 24.46
CA GLN C 360 8.68 14.44 24.97
C GLN C 360 7.69 15.40 24.30
N GLU C 361 7.64 15.37 22.96
CA GLU C 361 6.68 16.16 22.17
C GLU C 361 5.24 15.82 22.53
N TYR C 362 4.98 14.54 22.81
CA TYR C 362 3.64 14.11 23.24
C TYR C 362 3.30 14.62 24.65
N ASP C 363 4.26 14.58 25.56
CA ASP C 363 4.07 15.07 26.94
C ASP C 363 3.73 16.56 26.95
N GLU C 364 4.39 17.33 26.09
CA GLU C 364 4.21 18.77 26.00
C GLU C 364 2.92 19.17 25.29
N ALA C 365 2.54 18.41 24.26
CA ALA C 365 1.43 18.80 23.38
C ALA C 365 0.15 17.96 23.49
N GLY C 366 0.26 16.73 23.99
CA GLY C 366 -0.88 15.82 24.04
C GLY C 366 -1.19 15.20 22.68
N PRO C 367 -2.26 14.42 22.59
CA PRO C 367 -2.57 13.65 21.37
C PRO C 367 -2.79 14.45 20.08
N SER C 368 -3.21 15.71 20.19
CA SER C 368 -3.49 16.53 18.99
C SER C 368 -2.25 16.86 18.15
N ILE C 369 -1.07 16.57 18.68
CA ILE C 369 0.20 16.70 17.94
C ILE C 369 0.19 15.88 16.64
N VAL C 370 -0.58 14.79 16.61
CA VAL C 370 -0.66 13.90 15.44
C VAL C 370 -1.17 14.62 14.19
N HIS C 371 -2.01 15.64 14.38
CA HIS C 371 -2.59 16.38 13.26
C HIS C 371 -1.62 17.39 12.65
N ARG C 372 -0.53 17.66 13.37
CA ARG C 372 0.46 18.65 12.94
C ARG C 372 1.76 17.99 12.46
N LYS C 373 2.01 16.79 12.95
CA LYS C 373 3.21 16.02 12.59
C LYS C 373 2.94 14.96 11.52
N CYS C 374 1.70 14.49 11.42
CA CYS C 374 1.33 13.41 10.50
C CYS C 374 0.16 13.74 9.57
N PHE C 375 0.45 14.00 8.30
CA PHE C 375 -0.59 14.20 7.28
C PHE C 375 -1.30 12.88 6.92
#